data_7OV2
#
_entry.id   7OV2
#
_cell.length_a   64.447
_cell.length_b   68.668
_cell.length_c   77.007
_cell.angle_alpha   90.000
_cell.angle_beta   90.000
_cell.angle_gamma   90.000
#
_symmetry.space_group_name_H-M   'P 21 21 21'
#
loop_
_entity.id
_entity.type
_entity.pdbx_description
1 polymer 'Tartrate-resistant acid phosphatase type 5'
2 branched beta-D-mannopyranose-(1-3)-beta-D-mannopyranose-(1-4)-2-acetamido-2-deoxy-beta-D-glucopyranose-(1-4)-2-acetamido-2-deoxy-beta-D-glucopyranose
3 non-polymer 'PENTAETHYLENE GLYCOL'
4 non-polymer 'HEXAETHYLENE GLYCOL'
5 non-polymer 'TETRAETHYLENE GLYCOL'
6 non-polymer GLUTAMINE
7 non-polymer 'PHOSPHATE ION'
8 non-polymer 1,2-ETHANEDIOL
9 non-polymer 'TRIETHYLENE GLYCOL'
10 non-polymer GLYCEROL
11 non-polymer 'CITRIC ACID'
12 non-polymer 'SODIUM ION'
13 non-polymer 'FE (III) ION'
14 water water
#
_entity_poly.entity_id   1
_entity_poly.type   'polypeptide(L)'
_entity_poly.pdbx_seq_one_letter_code
;TAPTPILRFVAVGDWGGVPNAPFHTAREMANAKAIATTVKTLGADFILSLGDNFYFTGVHDAKDKRFQETFEDVFSDPSL
RNVPWHVLAGNHDHLGNVSAQIAYSKISKRWNFPSPYYRLRFKIPRSNVSVAIFMLDTVTLCGNSDDFVSQQPERPRNLA
LARTQLAWIKKQLAAAKEDYVLVAGHYPVWSIAEHGPTHCLVKQLLPLLTTHKVTAYLCGHDHNLQYLQDENGLGFVLSG
AGNFMDPSKKHLRKVPNGYLRFHFGAENSLGGFAYVEITPKEMSVTYIEASGKSLFKTKLPRRARSEHQHRRA
;
_entity_poly.pdbx_strand_id   A
#
# COMPACT_ATOMS: atom_id res chain seq x y z
N THR A 4 -0.64 -18.66 -18.51
CA THR A 4 -1.49 -17.57 -19.08
C THR A 4 -2.68 -17.02 -18.18
N PRO A 5 -3.22 -17.78 -17.21
CA PRO A 5 -4.09 -17.12 -16.21
C PRO A 5 -3.24 -16.15 -15.40
N ILE A 6 -3.75 -14.96 -15.12
CA ILE A 6 -2.95 -13.97 -14.42
C ILE A 6 -3.88 -12.98 -13.73
N LEU A 7 -3.46 -12.53 -12.55
CA LEU A 7 -4.07 -11.43 -11.82
C LEU A 7 -3.08 -10.28 -11.84
N ARG A 8 -3.55 -9.07 -12.14
CA ARG A 8 -2.69 -7.92 -12.30
CA ARG A 8 -2.69 -7.90 -12.31
C ARG A 8 -3.23 -6.75 -11.49
N PHE A 9 -2.34 -6.06 -10.78
CA PHE A 9 -2.79 -4.86 -10.08
C PHE A 9 -1.61 -3.93 -9.84
N VAL A 10 -1.93 -2.66 -9.76
CA VAL A 10 -1.00 -1.61 -9.35
C VAL A 10 -1.16 -1.39 -7.85
N ALA A 11 -0.02 -1.22 -7.14
CA ALA A 11 -0.03 -0.78 -5.74
C ALA A 11 0.66 0.58 -5.65
N VAL A 12 -0.10 1.60 -5.27
CA VAL A 12 0.41 2.96 -5.19
C VAL A 12 0.18 3.45 -3.77
N GLY A 13 1.17 4.13 -3.21
CA GLY A 13 1.08 4.67 -1.88
C GLY A 13 1.30 6.16 -1.84
N ASP A 14 0.69 6.81 -0.85
CA ASP A 14 1.03 8.18 -0.49
C ASP A 14 0.88 9.13 -1.67
N TRP A 15 -0.24 9.01 -2.39
CA TRP A 15 -0.50 9.78 -3.59
C TRP A 15 -1.35 11.02 -3.34
N GLY A 16 -1.73 11.28 -2.09
CA GLY A 16 -2.83 12.20 -1.78
C GLY A 16 -2.68 13.68 -2.03
N GLY A 17 -1.90 14.09 -3.04
CA GLY A 17 -1.93 15.48 -3.48
C GLY A 17 -1.55 16.48 -2.40
N VAL A 18 -2.24 17.62 -2.40
CA VAL A 18 -2.00 18.69 -1.42
C VAL A 18 -3.33 19.38 -1.14
N PRO A 19 -3.47 20.06 0.01
CA PRO A 19 -4.74 20.73 0.31
C PRO A 19 -4.91 22.11 -0.32
N ASN A 20 -3.84 22.71 -0.85
CA ASN A 20 -3.91 23.96 -1.59
CA ASN A 20 -4.03 23.95 -1.59
C ASN A 20 -4.16 23.66 -3.07
N ALA A 21 -4.88 24.56 -3.75
CA ALA A 21 -5.09 24.41 -5.17
C ALA A 21 -3.75 24.40 -5.88
N PRO A 22 -3.58 23.60 -6.95
CA PRO A 22 -4.62 22.79 -7.63
C PRO A 22 -4.91 21.42 -7.03
N PHE A 23 -4.48 21.15 -5.79
CA PHE A 23 -4.84 19.95 -5.01
C PHE A 23 -4.16 18.67 -5.50
N HIS A 24 -3.17 18.78 -6.36
CA HIS A 24 -2.29 17.67 -6.70
C HIS A 24 -0.89 18.23 -6.83
N THR A 25 0.09 17.34 -6.82
CA THR A 25 1.46 17.71 -7.12
C THR A 25 1.79 17.30 -8.56
N ALA A 26 2.90 17.85 -9.06
CA ALA A 26 3.45 17.36 -10.32
C ALA A 26 3.66 15.85 -10.27
N ARG A 27 4.10 15.34 -9.12
CA ARG A 27 4.38 13.91 -9.01
C ARG A 27 3.09 13.09 -9.06
N GLU A 28 2.04 13.54 -8.37
CA GLU A 28 0.80 12.78 -8.41
C GLU A 28 0.25 12.72 -9.83
N MET A 29 0.36 13.83 -10.57
CA MET A 29 -0.15 13.85 -11.93
C MET A 29 0.68 12.93 -12.84
N ALA A 30 1.99 12.93 -12.67
CA ALA A 30 2.83 12.03 -13.47
C ALA A 30 2.50 10.57 -13.18
N ASN A 31 2.26 10.23 -11.90
CA ASN A 31 1.91 8.86 -11.58
C ASN A 31 0.52 8.49 -12.08
N ALA A 32 -0.42 9.44 -12.05
CA ALA A 32 -1.73 9.17 -12.64
C ALA A 32 -1.61 8.82 -14.12
N LYS A 33 -0.81 9.57 -14.85
CA LYS A 33 -0.59 9.32 -16.27
C LYS A 33 0.17 8.00 -16.47
N ALA A 34 1.20 7.77 -15.66
CA ALA A 34 2.00 6.55 -15.78
C ALA A 34 1.18 5.32 -15.45
N ILE A 35 0.32 5.41 -14.43
CA ILE A 35 -0.55 4.28 -14.11
C ILE A 35 -1.55 4.03 -15.23
N ALA A 36 -2.17 5.09 -15.76
CA ALA A 36 -3.09 4.94 -16.89
C ALA A 36 -2.41 4.26 -18.07
N THR A 37 -1.17 4.68 -18.40
CA THR A 37 -0.44 4.01 -19.48
C THR A 37 -0.16 2.55 -19.17
N THR A 38 0.25 2.25 -17.93
CA THR A 38 0.50 0.88 -17.52
C THR A 38 -0.76 0.03 -17.67
N VAL A 39 -1.89 0.56 -17.22
CA VAL A 39 -3.17 -0.14 -17.33
C VAL A 39 -3.52 -0.36 -18.80
N LYS A 40 -3.30 0.65 -19.64
CA LYS A 40 -3.62 0.52 -21.06
C LYS A 40 -2.74 -0.52 -21.74
N THR A 41 -1.46 -0.59 -21.37
CA THR A 41 -0.49 -1.40 -22.09
C THR A 41 -0.31 -2.81 -21.52
N LEU A 42 -0.38 -2.97 -20.19
CA LEU A 42 -0.24 -4.27 -19.56
C LEU A 42 -1.52 -4.77 -18.92
N GLY A 43 -2.46 -3.88 -18.64
CA GLY A 43 -3.68 -4.24 -17.96
C GLY A 43 -3.55 -4.23 -16.44
N ALA A 44 -4.70 -4.14 -15.79
CA ALA A 44 -4.80 -4.19 -14.33
C ALA A 44 -6.22 -4.59 -13.98
N ASP A 45 -6.34 -5.52 -13.04
CA ASP A 45 -7.65 -5.88 -12.54
C ASP A 45 -8.13 -4.97 -11.44
N PHE A 46 -7.22 -4.32 -10.72
CA PHE A 46 -7.57 -3.33 -9.71
C PHE A 46 -6.32 -2.55 -9.32
N ILE A 47 -6.53 -1.52 -8.50
CA ILE A 47 -5.45 -0.70 -7.93
C ILE A 47 -5.57 -0.77 -6.41
N LEU A 48 -4.46 -0.96 -5.73
CA LEU A 48 -4.41 -0.91 -4.27
C LEU A 48 -3.82 0.42 -3.83
N SER A 49 -4.56 1.18 -3.03
CA SER A 49 -3.98 2.35 -2.37
C SER A 49 -3.38 1.91 -1.04
N LEU A 50 -2.11 2.28 -0.83
CA LEU A 50 -1.41 1.92 0.40
C LEU A 50 -1.42 3.06 1.43
N GLY A 51 -2.36 4.00 1.30
CA GLY A 51 -2.64 4.92 2.38
C GLY A 51 -2.01 6.29 2.16
N ASP A 52 -2.37 7.20 3.06
CA ASP A 52 -2.15 8.63 2.90
C ASP A 52 -2.81 9.10 1.60
N ASN A 53 -4.13 8.95 1.58
CA ASN A 53 -4.92 9.23 0.39
C ASN A 53 -5.20 10.70 0.18
N PHE A 54 -5.16 11.53 1.23
CA PHE A 54 -5.44 12.96 1.12
C PHE A 54 -4.56 13.70 2.12
N TYR A 55 -3.49 14.33 1.61
CA TYR A 55 -2.62 15.19 2.40
C TYR A 55 -3.28 16.55 2.61
N PHE A 56 -3.06 17.15 3.79
CA PHE A 56 -2.24 16.62 4.90
C PHE A 56 -3.08 16.20 6.09
N THR A 57 -4.41 16.36 5.99
CA THR A 57 -5.26 16.01 7.13
C THR A 57 -6.50 15.24 6.69
N GLY A 58 -6.42 14.54 5.56
CA GLY A 58 -7.56 13.72 5.15
C GLY A 58 -8.73 14.55 4.67
N VAL A 59 -9.93 14.01 4.87
CA VAL A 59 -11.16 14.64 4.40
C VAL A 59 -12.04 14.97 5.60
N HIS A 60 -12.95 15.94 5.42
CA HIS A 60 -13.83 16.33 6.51
C HIS A 60 -15.06 15.42 6.59
N ASP A 61 -15.64 15.06 5.44
CA ASP A 61 -16.78 14.17 5.36
C ASP A 61 -16.82 13.61 3.94
N ALA A 62 -17.82 12.76 3.68
CA ALA A 62 -17.83 12.03 2.41
C ALA A 62 -18.17 12.91 1.22
N LYS A 63 -18.64 14.14 1.43
CA LYS A 63 -18.87 15.06 0.33
C LYS A 63 -17.77 16.11 0.23
N ASP A 64 -16.69 15.95 0.99
CA ASP A 64 -15.51 16.80 0.85
C ASP A 64 -15.07 16.83 -0.61
N LYS A 65 -14.79 18.04 -1.12
CA LYS A 65 -14.44 18.21 -2.53
C LYS A 65 -13.06 17.64 -2.86
N ARG A 66 -12.23 17.37 -1.85
CA ARG A 66 -10.93 16.75 -2.09
C ARG A 66 -11.07 15.38 -2.77
N PHE A 67 -12.21 14.70 -2.58
CA PHE A 67 -12.41 13.43 -3.25
C PHE A 67 -12.36 13.61 -4.76
N GLN A 68 -12.99 14.67 -5.28
CA GLN A 68 -12.94 14.91 -6.71
C GLN A 68 -11.64 15.60 -7.10
N GLU A 69 -11.17 16.56 -6.28
CA GLU A 69 -10.02 17.38 -6.63
C GLU A 69 -8.73 16.58 -6.64
N THR A 70 -8.50 15.76 -5.61
CA THR A 70 -7.25 15.02 -5.49
C THR A 70 -7.35 13.59 -6.00
N PHE A 71 -8.54 12.97 -5.99
CA PHE A 71 -8.67 11.60 -6.47
C PHE A 71 -9.32 11.52 -7.85
N GLU A 72 -10.64 11.77 -7.95
CA GLU A 72 -11.36 11.45 -9.18
C GLU A 72 -10.79 12.20 -10.38
N ASP A 73 -10.60 13.52 -10.26
CA ASP A 73 -10.19 14.28 -11.44
C ASP A 73 -8.74 14.01 -11.81
N VAL A 74 -7.91 13.58 -10.86
CA VAL A 74 -6.50 13.32 -11.18
C VAL A 74 -6.37 12.00 -11.91
N PHE A 75 -6.97 10.95 -11.37
CA PHE A 75 -6.94 9.62 -11.98
C PHE A 75 -8.14 9.46 -12.91
N SER A 76 -8.22 10.36 -13.89
CA SER A 76 -9.38 10.45 -14.77
C SER A 76 -9.12 10.05 -16.22
N ASP A 77 -7.90 9.62 -16.55
CA ASP A 77 -7.64 9.18 -17.92
C ASP A 77 -8.53 7.99 -18.27
N PRO A 78 -8.93 7.87 -19.54
CA PRO A 78 -9.99 6.91 -19.88
C PRO A 78 -9.65 5.46 -19.61
N SER A 79 -8.38 5.07 -19.71
CA SER A 79 -8.04 3.68 -19.44
C SER A 79 -8.27 3.30 -17.98
N LEU A 80 -8.43 4.27 -17.07
CA LEU A 80 -8.70 3.94 -15.69
C LEU A 80 -10.19 3.89 -15.37
N ARG A 81 -11.06 4.08 -16.36
CA ARG A 81 -12.47 4.33 -16.10
C ARG A 81 -13.10 3.23 -15.25
N ASN A 82 -12.84 1.97 -15.58
CA ASN A 82 -13.54 0.86 -14.96
C ASN A 82 -12.68 0.12 -13.94
N VAL A 83 -11.57 0.68 -13.50
CA VAL A 83 -10.60 -0.04 -12.68
C VAL A 83 -10.94 0.23 -11.21
N PRO A 84 -11.37 -0.77 -10.45
CA PRO A 84 -11.65 -0.55 -9.03
C PRO A 84 -10.39 -0.26 -8.24
N TRP A 85 -10.55 0.56 -7.20
CA TRP A 85 -9.53 0.84 -6.21
C TRP A 85 -9.93 0.21 -4.88
N HIS A 86 -9.02 -0.54 -4.28
CA HIS A 86 -9.21 -1.05 -2.92
C HIS A 86 -8.28 -0.26 -2.01
N VAL A 87 -8.85 0.35 -0.97
CA VAL A 87 -8.18 1.43 -0.28
C VAL A 87 -8.00 1.06 1.18
N LEU A 88 -6.90 1.52 1.76
CA LEU A 88 -6.72 1.53 3.20
C LEU A 88 -6.21 2.91 3.59
N ALA A 89 -6.20 3.18 4.90
CA ALA A 89 -5.87 4.50 5.43
C ALA A 89 -4.43 4.59 5.89
N GLY A 90 -3.87 5.78 5.75
CA GLY A 90 -2.63 6.15 6.38
C GLY A 90 -2.83 7.11 7.54
N ASN A 91 -1.71 7.58 8.08
CA ASN A 91 -1.75 8.42 9.26
C ASN A 91 -2.41 9.77 8.98
N HIS A 92 -2.13 10.37 7.81
CA HIS A 92 -2.76 11.66 7.50
C HIS A 92 -4.25 11.51 7.30
N ASP A 93 -4.69 10.40 6.70
CA ASP A 93 -6.12 10.15 6.57
C ASP A 93 -6.79 10.17 7.93
N HIS A 94 -6.14 9.58 8.93
CA HIS A 94 -6.67 9.46 10.28
C HIS A 94 -6.62 10.77 11.05
N LEU A 95 -5.80 11.73 10.61
CA LEU A 95 -5.92 13.07 11.18
C LEU A 95 -7.26 13.69 10.81
N GLY A 96 -7.90 13.20 9.77
CA GLY A 96 -9.21 13.66 9.36
C GLY A 96 -10.23 12.59 9.66
N ASN A 97 -11.27 12.54 8.81
CA ASN A 97 -12.45 11.70 9.00
C ASN A 97 -12.27 10.43 8.17
N VAL A 98 -11.94 9.33 8.83
CA VAL A 98 -11.76 8.08 8.07
C VAL A 98 -13.11 7.43 7.73
N SER A 99 -14.12 7.54 8.60
CA SER A 99 -15.44 7.02 8.24
C SER A 99 -15.92 7.65 6.95
N ALA A 100 -15.50 8.89 6.67
CA ALA A 100 -15.87 9.54 5.41
C ALA A 100 -15.30 8.81 4.22
N GLN A 101 -14.05 8.32 4.32
CA GLN A 101 -13.49 7.62 3.17
C GLN A 101 -14.13 6.26 3.00
N ILE A 102 -14.59 5.64 4.10
CA ILE A 102 -15.34 4.40 3.97
C ILE A 102 -16.71 4.67 3.33
N ALA A 103 -17.43 5.68 3.84
CA ALA A 103 -18.73 6.03 3.28
C ALA A 103 -18.64 6.46 1.82
N TYR A 104 -17.54 7.08 1.42
CA TYR A 104 -17.37 7.45 0.02
C TYR A 104 -17.47 6.24 -0.92
N SER A 105 -17.28 5.02 -0.40
CA SER A 105 -17.39 3.84 -1.25
C SER A 105 -18.78 3.73 -1.87
N LYS A 106 -19.79 4.29 -1.20
CA LYS A 106 -21.17 4.28 -1.69
C LYS A 106 -21.44 5.39 -2.70
N ILE A 107 -20.51 6.32 -2.87
CA ILE A 107 -20.67 7.45 -3.77
C ILE A 107 -19.92 7.23 -5.07
N SER A 108 -18.70 6.73 -4.99
CA SER A 108 -17.88 6.42 -6.16
C SER A 108 -17.85 4.92 -6.34
N LYS A 109 -18.28 4.44 -7.51
CA LYS A 109 -18.28 3.00 -7.78
C LYS A 109 -16.89 2.42 -7.61
N ARG A 110 -15.90 2.99 -8.30
CA ARG A 110 -14.54 2.43 -8.28
C ARG A 110 -13.87 2.55 -6.91
N TRP A 111 -14.34 3.42 -6.03
CA TRP A 111 -13.77 3.55 -4.69
C TRP A 111 -14.30 2.45 -3.79
N ASN A 112 -13.42 1.52 -3.36
CA ASN A 112 -13.82 0.42 -2.50
CA ASN A 112 -13.82 0.41 -2.50
C ASN A 112 -13.02 0.49 -1.20
N PHE A 113 -13.68 0.87 -0.12
CA PHE A 113 -13.06 1.03 1.19
C PHE A 113 -14.11 0.63 2.23
N PRO A 114 -14.39 -0.66 2.36
CA PRO A 114 -15.57 -1.08 3.16
C PRO A 114 -15.37 -1.02 4.66
N SER A 115 -14.14 -1.01 5.15
N SER A 115 -14.14 -0.92 5.13
CA SER A 115 -13.89 -0.99 6.58
CA SER A 115 -13.87 -1.05 6.55
C SER A 115 -12.42 -0.67 6.79
C SER A 115 -12.41 -0.68 6.79
N PRO A 116 -12.02 -0.30 8.01
CA PRO A 116 -10.60 0.05 8.22
C PRO A 116 -9.67 -1.10 7.89
N TYR A 117 -10.09 -2.33 8.18
CA TYR A 117 -9.36 -3.52 7.78
C TYR A 117 -10.35 -4.56 7.30
N TYR A 118 -9.92 -5.38 6.33
CA TYR A 118 -10.82 -6.30 5.64
C TYR A 118 -9.99 -7.24 4.79
N ARG A 119 -10.65 -8.28 4.30
CA ARG A 119 -10.02 -9.31 3.50
C ARG A 119 -10.58 -9.28 2.08
N LEU A 120 -9.68 -9.22 1.10
CA LEU A 120 -10.04 -9.44 -0.29
C LEU A 120 -9.60 -10.83 -0.71
N ARG A 121 -10.39 -11.46 -1.56
CA ARG A 121 -10.06 -12.79 -2.07
C ARG A 121 -10.37 -12.80 -3.56
N PHE A 122 -9.39 -13.23 -4.35
CA PHE A 122 -9.53 -13.32 -5.80
C PHE A 122 -9.23 -14.74 -6.24
N LYS A 123 -9.89 -15.17 -7.32
CA LYS A 123 -9.48 -16.35 -8.09
C LYS A 123 -8.78 -15.84 -9.35
N ILE A 124 -7.57 -16.34 -9.59
CA ILE A 124 -6.83 -15.99 -10.80
C ILE A 124 -7.67 -16.46 -12.00
N PRO A 125 -8.00 -15.57 -12.93
CA PRO A 125 -8.90 -15.96 -14.04
C PRO A 125 -8.33 -17.09 -14.85
N ARG A 126 -9.20 -18.00 -15.28
CA ARG A 126 -8.81 -19.17 -16.08
C ARG A 126 -8.08 -20.22 -15.23
N SER A 127 -8.29 -20.22 -13.93
CA SER A 127 -7.63 -21.18 -13.06
C SER A 127 -8.37 -21.27 -11.74
N ASN A 128 -7.97 -22.26 -10.94
CA ASN A 128 -8.50 -22.40 -9.59
CA ASN A 128 -8.48 -22.46 -9.59
C ASN A 128 -7.56 -21.84 -8.53
N VAL A 129 -6.50 -21.15 -8.94
CA VAL A 129 -5.53 -20.57 -8.00
C VAL A 129 -6.14 -19.34 -7.34
N SER A 130 -5.91 -19.20 -6.03
CA SER A 130 -6.59 -18.19 -5.22
C SER A 130 -5.58 -17.26 -4.55
N VAL A 131 -5.98 -16.01 -4.36
CA VAL A 131 -5.17 -14.96 -3.74
C VAL A 131 -5.99 -14.31 -2.63
N ALA A 132 -5.41 -14.22 -1.44
CA ALA A 132 -5.98 -13.44 -0.36
C ALA A 132 -5.12 -12.20 -0.15
N ILE A 133 -5.77 -11.04 -0.03
CA ILE A 133 -5.11 -9.80 0.35
C ILE A 133 -5.84 -9.27 1.56
N PHE A 134 -5.13 -9.18 2.68
CA PHE A 134 -5.66 -8.64 3.91
C PHE A 134 -5.21 -7.19 3.99
N MET A 135 -6.17 -6.29 3.95
CA MET A 135 -5.90 -4.86 4.02
C MET A 135 -5.98 -4.43 5.48
N LEU A 136 -4.85 -3.94 6.03
CA LEU A 136 -4.77 -3.57 7.44
C LEU A 136 -4.91 -2.07 7.64
N ASP A 137 -5.31 -1.68 8.84
CA ASP A 137 -5.19 -0.30 9.29
C ASP A 137 -4.08 -0.27 10.34
N THR A 138 -2.87 0.09 9.90
CA THR A 138 -1.73 0.09 10.81
C THR A 138 -1.77 1.25 11.79
N VAL A 139 -2.61 2.27 11.53
CA VAL A 139 -2.75 3.39 12.44
C VAL A 139 -3.57 3.02 13.67
N THR A 140 -4.70 2.32 13.48
CA THR A 140 -5.43 1.86 14.65
C THR A 140 -4.70 0.70 15.33
N LEU A 141 -3.91 -0.05 14.56
CA LEU A 141 -3.12 -1.14 15.13
C LEU A 141 -1.99 -0.61 16.01
N CYS A 142 -1.26 0.40 15.53
CA CYS A 142 -0.01 0.83 16.15
C CYS A 142 -0.03 2.24 16.70
N GLY A 143 -0.97 3.07 16.29
CA GLY A 143 -0.95 4.48 16.62
C GLY A 143 -0.70 5.35 15.40
N ASN A 144 -1.01 6.63 15.55
CA ASN A 144 -0.78 7.62 14.49
C ASN A 144 0.59 8.23 14.67
N SER A 145 1.45 8.07 13.66
CA SER A 145 2.80 8.64 13.73
C SER A 145 2.76 10.16 13.99
N ASP A 146 1.71 10.83 13.53
CA ASP A 146 1.64 12.28 13.73
C ASP A 146 1.35 12.68 15.17
N ASP A 147 0.99 11.72 16.04
CA ASP A 147 0.80 12.04 17.46
C ASP A 147 2.12 12.20 18.20
N PHE A 148 3.25 11.84 17.60
CA PHE A 148 4.52 11.76 18.33
C PHE A 148 5.57 12.60 17.62
N VAL A 149 6.42 13.28 18.41
CA VAL A 149 7.54 14.05 17.88
C VAL A 149 8.47 13.15 17.06
N SER A 150 8.67 11.91 17.54
CA SER A 150 9.47 10.91 16.84
C SER A 150 8.92 10.60 15.46
N GLN A 151 7.63 10.87 15.22
CA GLN A 151 6.93 10.48 14.00
CA GLN A 151 6.93 10.48 13.99
C GLN A 151 7.00 8.97 13.79
N GLN A 152 7.07 8.24 14.87
CA GLN A 152 6.97 6.80 14.95
C GLN A 152 5.69 6.48 15.71
N PRO A 153 4.86 5.53 15.25
CA PRO A 153 3.65 5.19 16.01
C PRO A 153 4.00 4.45 17.29
N GLU A 154 4.16 5.23 18.36
CA GLU A 154 4.70 4.67 19.60
C GLU A 154 3.67 3.84 20.34
N ARG A 155 2.40 4.23 20.28
CA ARG A 155 1.34 3.53 21.00
CA ARG A 155 1.35 3.47 20.95
C ARG A 155 0.01 3.84 20.33
N PRO A 156 -0.91 2.88 20.24
CA PRO A 156 -2.23 3.19 19.70
C PRO A 156 -3.04 4.00 20.69
N ARG A 157 -3.97 4.80 20.18
CA ARG A 157 -4.83 5.57 21.06
C ARG A 157 -5.82 4.70 21.84
N ASN A 158 -6.26 3.58 21.25
CA ASN A 158 -7.24 2.73 21.91
C ASN A 158 -6.73 1.30 21.90
N LEU A 159 -6.50 0.75 23.10
CA LEU A 159 -5.89 -0.56 23.23
C LEU A 159 -6.80 -1.67 22.72
N ALA A 160 -8.09 -1.62 23.10
CA ALA A 160 -9.02 -2.67 22.66
C ALA A 160 -9.14 -2.71 21.14
N LEU A 161 -9.16 -1.54 20.49
CA LEU A 161 -9.26 -1.49 19.04
C LEU A 161 -8.02 -2.08 18.37
N ALA A 162 -6.84 -1.80 18.92
CA ALA A 162 -5.61 -2.37 18.40
C ALA A 162 -5.57 -3.89 18.60
N ARG A 163 -5.88 -4.34 19.81
CA ARG A 163 -5.85 -5.76 20.11
CA ARG A 163 -5.84 -5.77 20.10
C ARG A 163 -6.89 -6.54 19.29
N THR A 164 -8.03 -5.92 19.00
CA THR A 164 -9.07 -6.58 18.21
C THR A 164 -8.61 -6.84 16.77
N GLN A 165 -7.92 -5.87 16.16
CA GLN A 165 -7.45 -6.05 14.80
C GLN A 165 -6.31 -7.07 14.74
N LEU A 166 -5.43 -7.03 15.75
CA LEU A 166 -4.38 -8.04 15.83
C LEU A 166 -4.97 -9.45 15.93
N ALA A 167 -6.00 -9.62 16.77
CA ALA A 167 -6.65 -10.92 16.88
C ALA A 167 -7.28 -11.32 15.55
N TRP A 168 -7.89 -10.36 14.86
CA TRP A 168 -8.47 -10.64 13.56
C TRP A 168 -7.40 -11.13 12.59
N ILE A 169 -6.26 -10.43 12.56
CA ILE A 169 -5.17 -10.83 11.66
C ILE A 169 -4.66 -12.21 12.02
N LYS A 170 -4.41 -12.45 13.31
CA LYS A 170 -3.99 -13.78 13.77
C LYS A 170 -4.92 -14.85 13.22
N LYS A 171 -6.20 -14.72 13.53
CA LYS A 171 -7.17 -15.75 13.16
C LYS A 171 -7.30 -15.87 11.64
N GLN A 172 -7.27 -14.74 10.92
CA GLN A 172 -7.40 -14.80 9.47
C GLN A 172 -6.20 -15.49 8.82
N LEU A 173 -4.99 -15.16 9.28
CA LEU A 173 -3.81 -15.75 8.65
C LEU A 173 -3.69 -17.23 8.97
N ALA A 174 -4.13 -17.65 10.16
CA ALA A 174 -4.06 -19.08 10.49
C ALA A 174 -5.08 -19.89 9.69
N ALA A 175 -6.15 -19.25 9.23
CA ALA A 175 -7.20 -19.94 8.51
C ALA A 175 -7.07 -19.84 7.00
N ALA A 176 -6.25 -18.91 6.49
CA ALA A 176 -6.17 -18.68 5.05
C ALA A 176 -5.71 -19.93 4.33
N LYS A 177 -6.49 -20.36 3.32
CA LYS A 177 -6.14 -21.51 2.51
C LYS A 177 -5.68 -21.15 1.10
N GLU A 178 -5.59 -19.86 0.78
CA GLU A 178 -5.28 -19.44 -0.58
C GLU A 178 -3.84 -19.77 -0.94
N ASP A 179 -3.61 -19.93 -2.26
CA ASP A 179 -2.26 -20.19 -2.75
C ASP A 179 -1.32 -19.03 -2.53
N TYR A 180 -1.83 -17.80 -2.61
CA TYR A 180 -1.06 -16.61 -2.30
C TYR A 180 -1.76 -15.83 -1.20
N VAL A 181 -1.00 -15.40 -0.20
CA VAL A 181 -1.52 -14.53 0.84
C VAL A 181 -0.64 -13.27 0.86
N LEU A 182 -1.25 -12.15 0.53
CA LEU A 182 -0.60 -10.86 0.67
C LEU A 182 -1.22 -10.15 1.86
N VAL A 183 -0.42 -9.32 2.52
CA VAL A 183 -0.91 -8.42 3.56
C VAL A 183 -0.46 -7.02 3.21
N ALA A 184 -1.34 -6.04 3.44
CA ALA A 184 -1.04 -4.66 3.09
C ALA A 184 -1.39 -3.76 4.27
N GLY A 185 -0.62 -2.69 4.43
CA GLY A 185 -0.83 -1.68 5.46
C GLY A 185 -0.04 -0.44 5.12
N HIS A 186 -0.35 0.65 5.82
CA HIS A 186 0.35 1.89 5.48
C HIS A 186 1.80 1.86 5.96
N TYR A 187 2.01 1.56 7.24
CA TYR A 187 3.35 1.60 7.81
C TYR A 187 4.18 0.41 7.33
N PRO A 188 5.49 0.59 7.21
CA PRO A 188 6.35 -0.54 6.84
C PRO A 188 6.70 -1.45 8.01
N VAL A 189 7.01 -2.70 7.67
CA VAL A 189 7.78 -3.55 8.58
C VAL A 189 9.26 -3.14 8.54
N TRP A 190 9.89 -3.32 7.39
CA TRP A 190 11.26 -2.88 7.15
C TRP A 190 11.25 -1.75 6.14
N SER A 191 12.12 -0.77 6.38
CA SER A 191 12.37 0.31 5.44
C SER A 191 13.66 0.98 5.89
N ILE A 192 14.51 1.33 4.91
CA ILE A 192 15.75 2.01 5.20
C ILE A 192 15.62 3.54 5.21
N ALA A 193 14.41 4.08 5.00
CA ALA A 193 14.30 5.50 4.68
C ALA A 193 13.93 6.37 5.89
N GLU A 194 13.10 7.38 5.68
CA GLU A 194 13.00 8.46 6.68
C GLU A 194 12.28 8.00 7.94
N HIS A 195 11.18 7.24 7.81
CA HIS A 195 10.54 6.65 9.00
C HIS A 195 11.22 5.36 9.44
N GLY A 196 11.64 4.53 8.48
CA GLY A 196 12.29 3.28 8.82
C GLY A 196 11.30 2.26 9.35
N PRO A 197 11.80 1.21 9.97
CA PRO A 197 10.93 0.12 10.43
C PRO A 197 9.94 0.62 11.48
N THR A 198 8.74 0.05 11.44
CA THR A 198 7.75 0.28 12.50
C THR A 198 7.90 -0.81 13.55
N HIS A 199 8.41 -0.42 14.74
CA HIS A 199 8.62 -1.38 15.82
C HIS A 199 7.36 -2.17 16.14
N CYS A 200 6.20 -1.51 16.11
CA CYS A 200 4.93 -2.18 16.40
C CYS A 200 4.70 -3.35 15.44
N LEU A 201 4.93 -3.13 14.13
CA LEU A 201 4.71 -4.20 13.16
C LEU A 201 5.80 -5.27 13.23
N VAL A 202 7.05 -4.88 13.48
CA VAL A 202 8.12 -5.85 13.60
C VAL A 202 7.86 -6.79 14.77
N LYS A 203 7.38 -6.25 15.89
CA LYS A 203 7.10 -7.07 17.06
C LYS A 203 5.83 -7.88 16.90
N GLN A 204 4.76 -7.26 16.40
CA GLN A 204 3.42 -7.86 16.50
C GLN A 204 2.94 -8.51 15.22
N LEU A 205 3.29 -7.96 14.06
CA LEU A 205 2.80 -8.50 12.80
C LEU A 205 3.77 -9.47 12.14
N LEU A 206 5.05 -9.12 12.12
CA LEU A 206 6.04 -9.92 11.40
C LEU A 206 6.09 -11.37 11.84
N PRO A 207 5.96 -11.72 13.13
CA PRO A 207 5.95 -13.16 13.48
C PRO A 207 4.79 -13.90 12.86
N LEU A 208 3.64 -13.25 12.73
CA LEU A 208 2.50 -13.87 12.06
C LEU A 208 2.75 -14.06 10.57
N LEU A 209 3.33 -13.04 9.92
CA LEU A 209 3.66 -13.15 8.50
C LEU A 209 4.58 -14.33 8.25
N THR A 210 5.57 -14.52 9.13
CA THR A 210 6.52 -15.60 9.03
C THR A 210 5.84 -16.94 9.27
N THR A 211 5.17 -17.08 10.42
CA THR A 211 4.53 -18.35 10.79
C THR A 211 3.54 -18.82 9.73
N HIS A 212 2.74 -17.90 9.18
CA HIS A 212 1.63 -18.29 8.32
C HIS A 212 1.96 -18.15 6.84
N LYS A 213 3.25 -18.11 6.50
CA LYS A 213 3.70 -18.30 5.12
C LYS A 213 3.13 -17.25 4.18
N VAL A 214 3.11 -15.99 4.64
CA VAL A 214 2.68 -14.89 3.79
C VAL A 214 3.68 -14.70 2.66
N THR A 215 3.17 -14.41 1.46
CA THR A 215 4.04 -14.18 0.31
C THR A 215 4.77 -12.85 0.43
N ALA A 216 4.05 -11.79 0.81
CA ALA A 216 4.66 -10.48 0.86
C ALA A 216 3.83 -9.54 1.70
N TYR A 217 4.49 -8.54 2.27
CA TYR A 217 3.83 -7.41 2.90
C TYR A 217 4.05 -6.18 2.04
N LEU A 218 2.95 -5.51 1.69
CA LEU A 218 2.97 -4.30 0.89
C LEU A 218 2.70 -3.10 1.80
N CYS A 219 3.41 -1.98 1.57
CA CYS A 219 3.20 -0.79 2.38
C CYS A 219 3.68 0.44 1.62
N GLY A 220 3.46 1.61 2.23
CA GLY A 220 3.98 2.88 1.77
C GLY A 220 4.64 3.61 2.92
N HIS A 221 4.18 4.84 3.21
CA HIS A 221 4.54 5.63 4.38
C HIS A 221 5.93 6.25 4.27
N ASP A 222 6.95 5.48 3.87
CA ASP A 222 8.21 6.09 3.44
C ASP A 222 8.12 6.41 1.96
N HIS A 223 8.51 7.63 1.59
CA HIS A 223 8.15 8.18 0.28
C HIS A 223 9.23 7.85 -0.76
N ASN A 224 9.26 6.57 -1.11
CA ASN A 224 10.26 6.04 -2.04
CA ASN A 224 10.24 6.06 -2.07
C ASN A 224 9.79 4.66 -2.48
N LEU A 225 10.66 3.93 -3.18
CA LEU A 225 10.38 2.59 -3.66
C LEU A 225 11.46 1.67 -3.13
N GLN A 226 11.04 0.58 -2.48
CA GLN A 226 11.99 -0.40 -1.95
C GLN A 226 11.44 -1.81 -2.14
N TYR A 227 12.35 -2.74 -2.39
CA TYR A 227 12.05 -4.16 -2.23
C TYR A 227 13.03 -4.74 -1.23
N LEU A 228 12.48 -5.38 -0.20
CA LEU A 228 13.28 -6.08 0.80
C LEU A 228 12.80 -7.52 0.91
N GLN A 229 13.69 -8.40 1.35
CA GLN A 229 13.39 -9.82 1.45
C GLN A 229 14.26 -10.43 2.54
N ASP A 230 13.63 -11.15 3.47
CA ASP A 230 14.37 -11.71 4.58
C ASP A 230 14.84 -13.13 4.22
N GLU A 231 15.55 -13.78 5.15
CA GLU A 231 16.15 -15.08 4.85
C GLU A 231 15.14 -16.21 4.75
N ASN A 232 13.88 -15.98 5.09
CA ASN A 232 12.82 -16.94 4.84
C ASN A 232 12.14 -16.71 3.49
N GLY A 233 12.54 -15.70 2.73
CA GLY A 233 11.91 -15.42 1.45
C GLY A 233 10.64 -14.59 1.52
N LEU A 234 10.29 -14.06 2.68
CA LEU A 234 9.17 -13.14 2.80
C LEU A 234 9.53 -11.81 2.14
N GLY A 235 8.73 -11.38 1.16
CA GLY A 235 9.00 -10.16 0.44
C GLY A 235 8.36 -8.94 1.08
N PHE A 236 8.99 -7.78 0.86
CA PHE A 236 8.50 -6.52 1.40
C PHE A 236 8.46 -5.50 0.26
N VAL A 237 7.25 -5.18 -0.20
CA VAL A 237 7.04 -4.28 -1.32
C VAL A 237 6.66 -2.93 -0.73
N LEU A 238 7.59 -1.98 -0.77
CA LEU A 238 7.33 -0.62 -0.28
CA LEU A 238 7.36 -0.62 -0.28
C LEU A 238 7.15 0.30 -1.47
N SER A 239 5.96 0.89 -1.57
CA SER A 239 5.54 1.72 -2.70
C SER A 239 4.86 2.96 -2.12
N GLY A 240 5.64 3.98 -1.81
CA GLY A 240 5.10 5.18 -1.19
C GLY A 240 5.45 6.43 -1.97
N ALA A 241 5.54 6.31 -3.30
CA ALA A 241 6.13 7.34 -4.16
C ALA A 241 5.11 7.94 -5.14
N GLY A 242 3.84 8.03 -4.74
CA GLY A 242 2.82 8.54 -5.63
C GLY A 242 2.71 10.06 -5.68
N ASN A 243 3.32 10.74 -4.71
CA ASN A 243 3.16 12.18 -4.50
C ASN A 243 4.46 12.87 -4.09
N PHE A 244 5.38 12.16 -3.43
CA PHE A 244 6.62 12.71 -2.90
C PHE A 244 7.77 11.74 -3.22
N MET A 245 8.98 12.28 -3.26
CA MET A 245 10.17 11.43 -3.34
C MET A 245 11.16 11.87 -2.28
N ASP A 246 11.39 11.02 -1.30
CA ASP A 246 12.29 11.29 -0.20
C ASP A 246 13.53 10.43 -0.34
N PRO A 247 14.73 11.02 -0.49
CA PRO A 247 15.94 10.22 -0.72
C PRO A 247 16.58 9.70 0.57
N SER A 248 15.94 9.87 1.72
CA SER A 248 16.54 9.53 3.00
C SER A 248 16.99 8.07 3.05
N LYS A 249 18.17 7.86 3.66
CA LYS A 249 18.61 6.53 4.07
C LYS A 249 18.82 6.50 5.57
N LYS A 250 18.02 7.29 6.29
CA LYS A 250 18.22 7.49 7.73
C LYS A 250 18.27 6.16 8.48
N HIS A 251 17.43 5.19 8.09
CA HIS A 251 17.30 3.96 8.86
C HIS A 251 17.97 2.77 8.17
N LEU A 252 18.96 3.03 7.31
CA LEU A 252 19.67 1.96 6.64
C LEU A 252 20.22 0.93 7.62
N ARG A 253 20.78 1.39 8.74
CA ARG A 253 21.40 0.50 9.71
C ARG A 253 20.41 -0.07 10.72
N LYS A 254 19.12 0.25 10.58
CA LYS A 254 18.05 -0.37 11.37
C LYS A 254 17.40 -1.54 10.66
N VAL A 255 17.79 -1.82 9.43
CA VAL A 255 17.28 -2.98 8.69
C VAL A 255 18.38 -4.04 8.64
N PRO A 256 18.09 -5.29 9.00
CA PRO A 256 19.13 -6.33 8.97
C PRO A 256 19.85 -6.35 7.62
N ASN A 257 21.17 -6.45 7.70
CA ASN A 257 21.98 -6.48 6.48
C ASN A 257 21.49 -7.57 5.53
N GLY A 258 21.45 -7.24 4.24
CA GLY A 258 21.02 -8.17 3.22
C GLY A 258 19.54 -8.14 2.87
N TYR A 259 18.69 -7.61 3.76
CA TYR A 259 17.25 -7.56 3.47
C TYR A 259 16.97 -6.65 2.29
N LEU A 260 17.62 -5.49 2.22
CA LEU A 260 17.37 -4.54 1.15
C LEU A 260 17.89 -5.08 -0.17
N ARG A 261 16.99 -5.28 -1.13
CA ARG A 261 17.37 -5.74 -2.46
C ARG A 261 17.31 -4.65 -3.52
N PHE A 262 16.45 -3.66 -3.34
CA PHE A 262 16.30 -2.57 -4.30
C PHE A 262 15.79 -1.35 -3.55
N HIS A 263 16.34 -0.18 -3.90
CA HIS A 263 15.89 1.08 -3.32
C HIS A 263 16.00 2.16 -4.38
N PHE A 264 14.95 2.98 -4.50
CA PHE A 264 14.97 4.15 -5.38
C PHE A 264 14.21 5.29 -4.73
N GLY A 265 14.89 6.42 -4.51
CA GLY A 265 14.32 7.57 -3.85
C GLY A 265 14.86 8.89 -4.36
N ALA A 266 15.42 8.87 -5.56
CA ALA A 266 16.06 10.04 -6.14
C ALA A 266 15.12 11.24 -6.14
N GLU A 267 15.59 12.36 -5.58
CA GLU A 267 14.72 13.53 -5.44
CA GLU A 267 14.72 13.54 -5.44
C GLU A 267 14.36 14.16 -6.78
N ASN A 268 15.16 13.93 -7.82
CA ASN A 268 14.80 14.42 -9.15
C ASN A 268 13.83 13.50 -9.87
N SER A 269 13.43 12.39 -9.26
CA SER A 269 12.44 11.51 -9.84
C SER A 269 11.04 12.05 -9.60
N LEU A 270 10.14 11.72 -10.52
CA LEU A 270 8.73 12.02 -10.30
C LEU A 270 8.00 10.99 -9.44
N GLY A 271 8.70 9.98 -8.92
CA GLY A 271 8.06 8.95 -8.14
C GLY A 271 7.85 7.68 -8.93
N GLY A 272 6.88 6.89 -8.48
CA GLY A 272 6.57 5.64 -9.14
C GLY A 272 5.70 4.77 -8.25
N PHE A 273 5.61 3.51 -8.65
CA PHE A 273 4.65 2.58 -8.09
C PHE A 273 5.08 1.16 -8.41
N ALA A 274 4.38 0.20 -7.81
CA ALA A 274 4.65 -1.21 -8.01
C ALA A 274 3.53 -1.86 -8.83
N TYR A 275 3.92 -2.78 -9.70
CA TYR A 275 3.00 -3.51 -10.57
C TYR A 275 3.14 -5.00 -10.30
N VAL A 276 2.08 -5.62 -9.79
CA VAL A 276 2.12 -7.02 -9.36
C VAL A 276 1.38 -7.89 -10.37
N GLU A 277 2.01 -9.00 -10.74
CA GLU A 277 1.41 -10.01 -11.60
C GLU A 277 1.50 -11.35 -10.88
N ILE A 278 0.39 -12.05 -10.80
CA ILE A 278 0.33 -13.33 -10.13
C ILE A 278 -0.25 -14.36 -11.09
N THR A 279 0.51 -15.43 -11.35
CA THR A 279 0.08 -16.51 -12.23
C THR A 279 -0.01 -17.77 -11.38
N PRO A 280 -0.51 -18.90 -11.90
CA PRO A 280 -0.37 -20.15 -11.13
C PRO A 280 1.07 -20.52 -10.89
N LYS A 281 1.99 -20.03 -11.73
CA LYS A 281 3.40 -20.32 -11.56
C LYS A 281 4.03 -19.51 -10.43
N GLU A 282 3.85 -18.19 -10.43
CA GLU A 282 4.62 -17.35 -9.52
C GLU A 282 3.96 -15.98 -9.38
N MET A 283 4.43 -15.23 -8.40
CA MET A 283 4.13 -13.80 -8.26
C MET A 283 5.36 -12.99 -8.63
N SER A 284 5.16 -11.91 -9.39
CA SER A 284 6.23 -10.97 -9.68
C SER A 284 5.79 -9.55 -9.34
N VAL A 285 6.77 -8.71 -9.03
CA VAL A 285 6.53 -7.29 -8.79
C VAL A 285 7.51 -6.50 -9.62
N THR A 286 7.00 -5.52 -10.37
CA THR A 286 7.81 -4.61 -11.14
C THR A 286 7.63 -3.22 -10.56
N TYR A 287 8.75 -2.54 -10.30
CA TYR A 287 8.72 -1.16 -9.85
C TYR A 287 8.86 -0.25 -11.07
N ILE A 288 7.85 0.59 -11.29
CA ILE A 288 7.75 1.42 -12.49
C ILE A 288 7.83 2.87 -12.05
N GLU A 289 8.76 3.61 -12.63
CA GLU A 289 8.90 5.03 -12.35
C GLU A 289 7.80 5.81 -13.06
N ALA A 290 7.50 6.99 -12.53
CA ALA A 290 6.47 7.84 -13.12
C ALA A 290 6.81 8.27 -14.53
N SER A 291 8.08 8.16 -14.93
CA SER A 291 8.52 8.40 -16.30
C SER A 291 8.21 7.24 -17.23
N GLY A 292 7.82 6.09 -16.68
CA GLY A 292 7.57 4.89 -17.45
C GLY A 292 8.70 3.87 -17.49
N LYS A 293 9.81 4.13 -16.82
CA LYS A 293 10.94 3.23 -16.87
C LYS A 293 10.79 2.13 -15.82
N SER A 294 11.04 0.88 -16.21
CA SER A 294 11.10 -0.22 -15.27
C SER A 294 12.37 -0.11 -14.44
N LEU A 295 12.23 -0.11 -13.12
CA LEU A 295 13.40 0.10 -12.27
C LEU A 295 13.96 -1.19 -11.72
N PHE A 296 13.11 -2.18 -11.50
CA PHE A 296 13.47 -3.41 -10.82
C PHE A 296 12.31 -4.37 -10.98
N LYS A 297 12.61 -5.65 -11.21
CA LYS A 297 11.57 -6.66 -11.26
C LYS A 297 12.08 -7.92 -10.59
N THR A 298 11.23 -8.54 -9.77
CA THR A 298 11.63 -9.77 -9.12
C THR A 298 10.41 -10.68 -8.95
N LYS A 299 10.68 -11.96 -8.75
CA LYS A 299 9.62 -12.94 -8.56
C LYS A 299 9.53 -13.34 -7.09
N LEU A 300 8.33 -13.75 -6.71
CA LEU A 300 8.00 -14.31 -5.40
C LEU A 300 7.25 -15.62 -5.58
N PRO A 301 7.42 -16.56 -4.65
CA PRO A 301 6.90 -17.91 -4.87
C PRO A 301 5.41 -18.06 -4.58
N ARG A 302 4.83 -19.07 -5.22
CA ARG A 302 3.51 -19.54 -4.84
C ARG A 302 3.61 -20.31 -3.51
N ARG A 303 2.82 -19.89 -2.52
CA ARG A 303 2.89 -20.53 -1.21
C ARG A 303 2.37 -21.96 -1.22
N ALA A 304 1.52 -22.31 -2.19
CA ALA A 304 0.96 -23.65 -2.38
C ALA A 304 -0.02 -24.03 -1.27
N ARG A 305 -1.28 -24.20 -1.64
CA ARG A 305 -2.32 -24.67 -0.74
C ARG A 305 -3.59 -24.95 -1.54
#